data_2W4Z
#
_entry.id   2W4Z
#
_cell.length_a   273.600
_cell.length_b   273.600
_cell.length_c   640.000
_cell.angle_alpha   90.00
_cell.angle_beta   90.00
_cell.angle_gamma   120.00
#
_symmetry.space_group_name_H-M   'H 3'
#
loop_
_entity.id
_entity.type
_entity.pdbx_description
1 polymer 'CAULOBACTER BACTERIOPHAGE 5'
2 non-polymer 'CALCIUM ION'
3 non-polymer 'ADENOSINE MONOPHOSPHATE'
#
_entity_poly.entity_id   1
_entity_poly.type   'polypeptide(L)'
_entity_poly.pdbx_seq_one_letter_code
;ALGDTLTITLGGSGGTAKVLRKINQDGYTSEYYLPETSSSFRAKVRHTKESVKPNQVQYERHNVEFTETVYASGSTPEFV
RQAYVVIRHKVGDVSATVSDLGEALSFYLNEALYGKLIGWES
;
_entity_poly.pdbx_strand_id   A,B,C
#
loop_
_chem_comp.id
_chem_comp.type
_chem_comp.name
_chem_comp.formula
AMP non-polymer 'ADENOSINE MONOPHOSPHATE' 'C10 H14 N5 O7 P'
CA non-polymer 'CALCIUM ION' 'Ca 2'
#
# COMPACT_ATOMS: atom_id res chain seq x y z
N ALA A 1 -5.14 -8.90 3.52
CA ALA A 1 -5.01 -10.01 2.52
C ALA A 1 -5.72 -9.71 1.20
N LEU A 2 -6.65 -10.57 0.82
CA LEU A 2 -7.40 -10.43 -0.42
C LEU A 2 -6.57 -10.92 -1.61
N GLY A 3 -5.26 -11.00 -1.42
CA GLY A 3 -4.39 -11.48 -2.49
C GLY A 3 -3.58 -10.44 -3.23
N ASP A 4 -2.55 -10.90 -3.92
CA ASP A 4 -1.69 -10.03 -4.71
C ASP A 4 -2.17 -10.02 -6.14
N THR A 5 -2.89 -11.06 -6.52
CA THR A 5 -3.45 -11.11 -7.84
C THR A 5 -4.94 -11.25 -7.62
N LEU A 6 -5.70 -10.98 -8.66
CA LEU A 6 -7.13 -11.08 -8.58
C LEU A 6 -7.54 -11.71 -9.91
N THR A 7 -8.27 -12.81 -9.84
CA THR A 7 -8.68 -13.47 -11.06
C THR A 7 -10.13 -13.25 -11.47
N ILE A 8 -10.28 -12.66 -12.63
CA ILE A 8 -11.59 -12.42 -13.20
C ILE A 8 -11.83 -13.59 -14.14
N THR A 9 -12.75 -14.47 -13.79
CA THR A 9 -13.03 -15.61 -14.66
C THR A 9 -14.25 -15.32 -15.53
N LEU A 10 -14.00 -14.84 -16.74
CA LEU A 10 -15.08 -14.50 -17.67
C LEU A 10 -15.99 -15.67 -17.94
N GLY A 11 -17.29 -15.41 -17.92
CA GLY A 11 -18.26 -16.47 -18.15
C GLY A 11 -18.49 -17.25 -16.88
N GLY A 12 -18.00 -16.71 -15.77
CA GLY A 12 -18.19 -17.36 -14.49
C GLY A 12 -17.32 -18.58 -14.31
N SER A 13 -17.71 -19.45 -13.37
CA SER A 13 -16.98 -20.67 -13.08
C SER A 13 -16.66 -21.49 -14.33
N GLY A 14 -15.39 -21.88 -14.44
CA GLY A 14 -14.97 -22.67 -15.59
C GLY A 14 -14.72 -21.81 -16.82
N GLY A 15 -14.97 -20.52 -16.71
CA GLY A 15 -14.75 -19.64 -17.85
C GLY A 15 -13.28 -19.31 -18.07
N THR A 16 -13.03 -18.21 -18.77
CA THR A 16 -11.67 -17.77 -19.08
C THR A 16 -11.09 -16.92 -17.96
N ALA A 17 -10.08 -17.46 -17.28
CA ALA A 17 -9.46 -16.75 -16.18
C ALA A 17 -8.53 -15.64 -16.67
N LYS A 18 -8.70 -14.47 -16.09
CA LYS A 18 -7.87 -13.32 -16.41
C LYS A 18 -7.28 -12.95 -15.07
N VAL A 19 -6.00 -13.22 -14.86
CA VAL A 19 -5.40 -12.91 -13.58
C VAL A 19 -4.68 -11.55 -13.57
N LEU A 20 -5.25 -10.61 -12.82
CA LEU A 20 -4.67 -9.28 -12.73
C LEU A 20 -3.73 -9.17 -11.54
N ARG A 21 -2.88 -8.16 -11.59
CA ARG A 21 -1.89 -7.91 -10.55
C ARG A 21 -2.21 -6.66 -9.76
N LYS A 22 -1.95 -6.68 -8.46
CA LYS A 22 -2.21 -5.49 -7.66
C LYS A 22 -1.18 -4.47 -8.11
N ILE A 23 -1.62 -3.30 -8.53
CA ILE A 23 -0.66 -2.29 -8.99
C ILE A 23 -0.67 -1.03 -8.14
N ASN A 24 -1.71 -0.89 -7.32
CA ASN A 24 -1.79 0.28 -6.48
C ASN A 24 -2.77 0.14 -5.33
N GLN A 25 -2.49 0.83 -4.23
CA GLN A 25 -3.37 0.79 -3.09
C GLN A 25 -3.26 2.09 -2.31
N ASP A 26 -4.34 2.86 -2.35
CA ASP A 26 -4.42 4.16 -1.70
C ASP A 26 -5.82 4.39 -1.16
N GLY A 27 -5.92 5.16 -0.08
CA GLY A 27 -7.20 5.47 0.53
C GLY A 27 -8.18 4.34 0.71
N TYR A 28 -7.75 3.25 1.33
CA TYR A 28 -8.62 2.10 1.56
C TYR A 28 -9.18 1.65 0.21
N THR A 29 -8.27 1.50 -0.74
CA THR A 29 -8.61 1.11 -2.09
C THR A 29 -7.52 0.25 -2.68
N SER A 30 -7.91 -0.60 -3.62
CA SER A 30 -6.97 -1.46 -4.31
C SER A 30 -7.24 -1.35 -5.78
N GLU A 31 -6.21 -1.59 -6.58
CA GLU A 31 -6.38 -1.57 -8.01
C GLU A 31 -5.54 -2.68 -8.58
N TYR A 32 -6.20 -3.60 -9.28
CA TYR A 32 -5.52 -4.72 -9.91
C TYR A 32 -5.60 -4.41 -11.39
N TYR A 33 -4.64 -4.91 -12.15
CA TYR A 33 -4.61 -4.61 -13.57
C TYR A 33 -4.00 -5.70 -14.40
N LEU A 34 -4.50 -5.84 -15.62
CA LEU A 34 -3.99 -6.84 -16.54
C LEU A 34 -4.17 -6.28 -17.94
N PRO A 35 -3.07 -5.76 -18.53
CA PRO A 35 -3.10 -5.20 -19.86
C PRO A 35 -3.01 -6.26 -20.94
N GLU A 36 -3.63 -5.98 -22.07
CA GLU A 36 -3.58 -6.87 -23.21
C GLU A 36 -3.49 -5.96 -24.43
N THR A 37 -3.41 -6.57 -25.60
CA THR A 37 -3.26 -5.80 -26.84
C THR A 37 -4.50 -5.04 -27.28
N SER A 38 -5.63 -5.72 -27.29
CA SER A 38 -6.90 -5.15 -27.73
C SER A 38 -7.69 -4.43 -26.63
N SER A 39 -7.50 -4.88 -25.40
CA SER A 39 -8.19 -4.33 -24.25
C SER A 39 -7.36 -4.57 -23.00
N SER A 40 -7.82 -4.02 -21.88
CA SER A 40 -7.15 -4.21 -20.61
C SER A 40 -8.22 -4.39 -19.54
N PHE A 41 -7.87 -5.13 -18.51
CA PHE A 41 -8.80 -5.37 -17.41
C PHE A 41 -8.33 -4.68 -16.16
N ARG A 42 -9.28 -4.21 -15.39
CA ARG A 42 -8.97 -3.50 -14.17
C ARG A 42 -10.03 -3.83 -13.14
N ALA A 43 -9.58 -4.08 -11.92
CA ALA A 43 -10.50 -4.37 -10.83
C ALA A 43 -10.17 -3.43 -9.68
N LYS A 44 -11.19 -2.83 -9.08
CA LYS A 44 -10.97 -1.92 -7.97
C LYS A 44 -11.80 -2.26 -6.77
N VAL A 45 -11.16 -2.23 -5.60
CA VAL A 45 -11.84 -2.50 -4.35
C VAL A 45 -11.85 -1.22 -3.53
N ARG A 46 -13.02 -0.85 -3.01
CA ARG A 46 -13.14 0.36 -2.23
C ARG A 46 -13.93 0.19 -0.97
N HIS A 47 -13.45 0.81 0.10
CA HIS A 47 -14.12 0.74 1.39
C HIS A 47 -14.39 2.15 1.83
N THR A 48 -15.61 2.38 2.31
CA THR A 48 -16.01 3.69 2.76
C THR A 48 -16.71 3.60 4.09
N LYS A 49 -16.62 4.68 4.85
CA LYS A 49 -17.26 4.72 6.14
C LYS A 49 -18.02 6.03 6.21
N GLU A 50 -19.30 6.00 5.86
CA GLU A 50 -20.14 7.18 5.88
C GLU A 50 -19.95 7.93 7.21
N SER A 51 -20.00 9.26 7.13
CA SER A 51 -19.81 10.16 8.26
C SER A 51 -20.79 10.00 9.43
N VAL A 52 -20.27 10.20 10.65
CA VAL A 52 -21.09 10.09 11.86
C VAL A 52 -22.07 11.25 11.96
N LYS A 53 -23.37 10.94 11.93
CA LYS A 53 -24.37 11.98 12.05
C LYS A 53 -24.80 12.02 13.52
N PRO A 54 -25.29 13.17 13.99
CA PRO A 54 -25.73 13.31 15.38
C PRO A 54 -26.67 12.20 15.83
N ASN A 55 -27.77 12.04 15.08
CA ASN A 55 -28.74 11.02 15.43
C ASN A 55 -29.01 10.09 14.25
N GLN A 56 -28.03 9.29 13.91
CA GLN A 56 -28.19 8.36 12.81
C GLN A 56 -27.27 7.18 12.92
N VAL A 57 -27.63 6.13 12.19
CA VAL A 57 -26.85 4.92 12.14
C VAL A 57 -25.72 5.22 11.20
N GLN A 58 -24.52 4.77 11.55
CA GLN A 58 -23.37 5.02 10.69
C GLN A 58 -23.09 3.80 9.83
N TYR A 59 -23.11 3.98 8.51
CA TYR A 59 -22.87 2.86 7.61
C TYR A 59 -21.49 2.78 7.00
N GLU A 60 -21.16 1.58 6.51
CA GLU A 60 -19.89 1.33 5.84
C GLU A 60 -20.29 0.78 4.48
N ARG A 61 -19.48 1.07 3.47
CA ARG A 61 -19.73 0.58 2.12
C ARG A 61 -18.51 -0.16 1.64
N HIS A 62 -18.74 -1.26 0.94
CA HIS A 62 -17.68 -2.05 0.39
C HIS A 62 -18.05 -2.19 -1.06
N ASN A 63 -17.10 -1.90 -1.93
CA ASN A 63 -17.36 -1.94 -3.35
C ASN A 63 -16.28 -2.67 -4.14
N VAL A 64 -16.72 -3.48 -5.09
CA VAL A 64 -15.79 -4.21 -5.96
C VAL A 64 -16.25 -3.95 -7.38
N GLU A 65 -15.32 -3.56 -8.23
CA GLU A 65 -15.68 -3.22 -9.58
C GLU A 65 -14.75 -3.74 -10.67
N PHE A 66 -15.32 -4.52 -11.59
CA PHE A 66 -14.59 -5.08 -12.72
C PHE A 66 -14.79 -4.17 -13.94
N THR A 67 -13.73 -3.92 -14.69
CA THR A 67 -13.84 -3.05 -15.86
C THR A 67 -12.94 -3.47 -16.99
N GLU A 68 -13.54 -3.81 -18.12
CA GLU A 68 -12.74 -4.17 -19.27
C GLU A 68 -12.77 -2.99 -20.21
N THR A 69 -11.60 -2.44 -20.52
CA THR A 69 -11.53 -1.31 -21.42
C THR A 69 -11.11 -1.81 -22.78
N VAL A 70 -12.01 -1.68 -23.75
CA VAL A 70 -11.71 -2.10 -25.10
C VAL A 70 -11.18 -0.90 -25.86
N TYR A 71 -9.90 -0.96 -26.23
CA TYR A 71 -9.27 0.14 -26.93
C TYR A 71 -9.93 0.38 -28.27
N ALA A 72 -9.93 1.64 -28.67
CA ALA A 72 -10.54 2.05 -29.94
C ALA A 72 -9.88 1.34 -31.11
N SER A 73 -10.67 0.95 -32.10
CA SER A 73 -10.14 0.28 -33.27
C SER A 73 -10.89 0.73 -34.53
N GLY A 74 -10.16 1.38 -35.43
CA GLY A 74 -10.76 1.85 -36.65
C GLY A 74 -11.75 2.96 -36.35
N SER A 75 -12.95 2.82 -36.91
CA SER A 75 -14.01 3.79 -36.71
C SER A 75 -14.60 3.65 -35.30
N THR A 76 -14.57 2.42 -34.79
CA THR A 76 -15.10 2.10 -33.47
C THR A 76 -14.29 2.74 -32.36
N PRO A 77 -14.87 3.73 -31.67
CA PRO A 77 -14.13 4.38 -30.59
C PRO A 77 -13.96 3.45 -29.40
N GLU A 78 -13.14 3.88 -28.46
CA GLU A 78 -12.89 3.08 -27.28
C GLU A 78 -14.10 3.14 -26.36
N PHE A 79 -14.45 1.98 -25.81
CA PHE A 79 -15.60 1.90 -24.93
C PHE A 79 -15.25 0.94 -23.80
N VAL A 80 -16.20 0.78 -22.89
CA VAL A 80 -15.96 -0.09 -21.76
C VAL A 80 -17.12 -1.03 -21.39
N ARG A 81 -16.78 -2.07 -20.64
CA ARG A 81 -17.74 -3.05 -20.14
C ARG A 81 -17.43 -3.01 -18.66
N GLN A 82 -18.46 -2.89 -17.84
CA GLN A 82 -18.22 -2.75 -16.43
C GLN A 82 -19.31 -3.32 -15.54
N ALA A 83 -18.88 -3.96 -14.46
CA ALA A 83 -19.81 -4.55 -13.51
C ALA A 83 -19.26 -4.33 -12.11
N TYR A 84 -20.12 -3.94 -11.17
CA TYR A 84 -19.64 -3.76 -9.82
C TYR A 84 -20.70 -3.98 -8.76
N VAL A 85 -20.23 -4.26 -7.55
CA VAL A 85 -21.12 -4.55 -6.44
C VAL A 85 -20.86 -3.67 -5.25
N VAL A 86 -21.92 -3.38 -4.51
CA VAL A 86 -21.78 -2.57 -3.33
C VAL A 86 -22.51 -3.22 -2.17
N ILE A 87 -21.81 -3.33 -1.05
CA ILE A 87 -22.37 -3.90 0.17
C ILE A 87 -22.38 -2.78 1.18
N ARG A 88 -23.52 -2.62 1.85
CA ARG A 88 -23.66 -1.56 2.82
C ARG A 88 -24.34 -2.07 4.07
N HIS A 89 -23.73 -1.80 5.23
CA HIS A 89 -24.28 -2.24 6.50
C HIS A 89 -23.88 -1.24 7.57
N LYS A 90 -24.55 -1.27 8.72
CA LYS A 90 -24.20 -0.33 9.78
C LYS A 90 -22.89 -0.82 10.38
N VAL A 91 -22.22 0.07 11.09
CA VAL A 91 -20.93 -0.27 11.68
C VAL A 91 -20.82 -1.55 12.51
N GLY A 92 -21.56 -1.66 13.60
CA GLY A 92 -21.38 -2.87 14.39
C GLY A 92 -22.06 -4.15 13.91
N ASP A 93 -22.76 -4.09 12.78
CA ASP A 93 -23.50 -5.23 12.27
C ASP A 93 -22.76 -6.57 12.29
N VAL A 94 -23.53 -7.66 12.34
CA VAL A 94 -22.98 -9.01 12.36
C VAL A 94 -22.52 -9.44 10.97
N SER A 95 -21.21 -9.53 10.80
CA SER A 95 -20.63 -9.91 9.52
C SER A 95 -21.30 -11.10 8.83
N ALA A 96 -21.41 -12.23 9.51
CA ALA A 96 -22.02 -13.41 8.90
C ALA A 96 -23.35 -13.05 8.23
N THR A 97 -24.22 -12.40 8.99
CA THR A 97 -25.52 -12.01 8.48
C THR A 97 -25.41 -11.18 7.23
N VAL A 98 -24.58 -10.15 7.29
CA VAL A 98 -24.38 -9.28 6.15
C VAL A 98 -23.89 -10.12 4.97
N SER A 99 -22.83 -10.87 5.18
CA SER A 99 -22.27 -11.71 4.14
C SER A 99 -23.36 -12.54 3.46
N ASP A 100 -24.30 -13.06 4.24
CA ASP A 100 -25.37 -13.89 3.70
C ASP A 100 -26.24 -13.20 2.67
N LEU A 101 -26.39 -11.89 2.80
CA LEU A 101 -27.18 -11.13 1.85
C LEU A 101 -26.41 -10.98 0.55
N GLY A 102 -25.09 -10.80 0.66
CA GLY A 102 -24.28 -10.67 -0.53
C GLY A 102 -24.23 -11.99 -1.26
N GLU A 103 -24.19 -13.07 -0.50
CA GLU A 103 -24.16 -14.41 -1.07
C GLU A 103 -25.49 -14.64 -1.81
N ALA A 104 -26.56 -14.13 -1.24
CA ALA A 104 -27.88 -14.27 -1.84
C ALA A 104 -27.92 -13.57 -3.20
N LEU A 105 -27.26 -12.43 -3.28
CA LEU A 105 -27.23 -11.67 -4.52
C LEU A 105 -26.40 -12.36 -5.58
N SER A 106 -25.19 -12.79 -5.22
CA SER A 106 -24.31 -13.47 -6.16
C SER A 106 -25.02 -14.68 -6.71
N PHE A 107 -25.75 -15.35 -5.83
CA PHE A 107 -26.51 -16.54 -6.20
C PHE A 107 -27.63 -16.22 -7.17
N TYR A 108 -28.32 -15.12 -6.89
CA TYR A 108 -29.42 -14.69 -7.72
C TYR A 108 -28.96 -14.32 -9.12
N LEU A 109 -27.83 -13.63 -9.18
CA LEU A 109 -27.27 -13.17 -10.44
C LEU A 109 -26.47 -14.20 -11.20
N ASN A 110 -27.14 -14.93 -12.07
CA ASN A 110 -26.47 -15.93 -12.88
C ASN A 110 -26.59 -15.51 -14.34
N GLU A 111 -26.05 -16.34 -15.23
CA GLU A 111 -26.10 -16.04 -16.66
C GLU A 111 -27.49 -15.73 -17.17
N ALA A 112 -28.43 -16.62 -16.85
CA ALA A 112 -29.81 -16.47 -17.30
C ALA A 112 -30.39 -15.13 -16.93
N LEU A 113 -30.19 -14.75 -15.68
CA LEU A 113 -30.70 -13.49 -15.18
C LEU A 113 -30.06 -12.31 -15.91
N TYR A 114 -28.74 -12.31 -15.98
CA TYR A 114 -28.03 -11.24 -16.65
C TYR A 114 -28.60 -11.06 -18.05
N GLY A 115 -28.95 -12.18 -18.68
CA GLY A 115 -29.52 -12.11 -20.01
C GLY A 115 -30.77 -11.24 -19.98
N LYS A 116 -31.72 -11.63 -19.13
CA LYS A 116 -32.97 -10.91 -18.98
C LYS A 116 -32.76 -9.44 -18.67
N LEU A 117 -31.82 -9.17 -17.77
CA LEU A 117 -31.53 -7.79 -17.40
C LEU A 117 -31.14 -6.95 -18.59
N ILE A 118 -30.21 -7.47 -19.37
CA ILE A 118 -29.75 -6.75 -20.54
C ILE A 118 -30.92 -6.57 -21.50
N GLY A 119 -31.90 -7.47 -21.40
CA GLY A 119 -33.07 -7.39 -22.24
C GLY A 119 -34.13 -6.47 -21.66
N TRP A 120 -33.73 -5.69 -20.65
CA TRP A 120 -34.62 -4.74 -19.98
C TRP A 120 -35.80 -5.35 -19.25
N GLU A 121 -35.71 -6.63 -18.92
CA GLU A 121 -36.79 -7.27 -18.18
C GLU A 121 -36.70 -6.82 -16.73
N SER A 122 -37.82 -6.36 -16.20
CA SER A 122 -37.88 -5.88 -14.83
C SER A 122 -38.62 -6.87 -13.90
N ALA B 1 7.66 -1.85 6.08
CA ALA B 1 7.53 -3.31 5.86
C ALA B 1 7.41 -4.06 7.18
N LEU B 2 6.47 -3.63 8.03
CA LEU B 2 6.29 -4.28 9.33
C LEU B 2 5.54 -5.59 9.26
N GLY B 3 4.97 -5.91 8.11
CA GLY B 3 4.25 -7.15 7.97
C GLY B 3 2.81 -6.91 7.60
N ASP B 4 2.13 -7.97 7.15
CA ASP B 4 0.75 -7.86 6.75
C ASP B 4 -0.19 -7.82 7.93
N THR B 5 0.22 -8.40 9.05
CA THR B 5 -0.63 -8.36 10.22
C THR B 5 0.11 -7.69 11.34
N LEU B 6 -0.63 -7.38 12.39
CA LEU B 6 -0.06 -6.76 13.56
C LEU B 6 -0.82 -7.36 14.72
N THR B 7 -0.10 -7.92 15.68
CA THR B 7 -0.76 -8.54 16.81
C THR B 7 -0.79 -7.71 18.06
N ILE B 8 -1.99 -7.48 18.56
CA ILE B 8 -2.18 -6.76 19.80
C ILE B 8 -2.44 -7.81 20.87
N THR B 9 -1.52 -7.98 21.80
CA THR B 9 -1.72 -8.97 22.85
C THR B 9 -2.22 -8.27 24.10
N LEU B 10 -3.53 -8.34 24.30
CA LEU B 10 -4.16 -7.69 25.45
C LEU B 10 -3.68 -8.24 26.78
N GLY B 11 -3.38 -7.34 27.70
CA GLY B 11 -2.93 -7.76 29.01
C GLY B 11 -1.45 -8.04 29.04
N GLY B 12 -0.76 -7.65 27.96
CA GLY B 12 0.67 -7.85 27.89
C GLY B 12 1.08 -9.19 27.32
N SER B 13 2.32 -9.60 27.61
CA SER B 13 2.84 -10.86 27.09
C SER B 13 2.12 -12.06 27.69
N GLY B 14 0.97 -11.80 28.28
CA GLY B 14 0.20 -12.88 28.86
C GLY B 14 -0.55 -13.66 27.81
N GLY B 15 -1.47 -13.00 27.11
CA GLY B 15 -2.22 -13.69 26.09
C GLY B 15 -3.32 -12.81 25.53
N THR B 16 -4.21 -13.44 24.78
CA THR B 16 -5.34 -12.76 24.12
C THR B 16 -4.75 -11.87 23.04
N ALA B 17 -4.17 -12.52 22.05
CA ALA B 17 -3.58 -11.84 20.93
C ALA B 17 -4.67 -11.60 19.91
N LYS B 18 -4.72 -10.37 19.42
CA LYS B 18 -5.69 -9.98 18.41
C LYS B 18 -4.83 -9.72 17.20
N VAL B 19 -5.01 -10.52 16.15
CA VAL B 19 -4.19 -10.30 14.97
C VAL B 19 -4.92 -9.44 13.96
N LEU B 20 -4.47 -8.19 13.84
CA LEU B 20 -5.09 -7.27 12.90
C LEU B 20 -4.48 -7.43 11.52
N ARG B 21 -5.28 -7.13 10.51
CA ARG B 21 -4.90 -7.23 9.11
C ARG B 21 -4.53 -5.86 8.56
N LYS B 22 -3.52 -5.77 7.70
CA LYS B 22 -3.16 -4.46 7.13
C LYS B 22 -4.37 -4.07 6.29
N ILE B 23 -4.81 -2.83 6.44
CA ILE B 23 -5.99 -2.35 5.76
C ILE B 23 -5.73 -1.19 4.80
N ASN B 24 -4.62 -0.48 5.03
CA ASN B 24 -4.27 0.65 4.19
C ASN B 24 -2.83 1.09 4.47
N GLN B 25 -2.22 1.76 3.50
CA GLN B 25 -0.86 2.25 3.67
C GLN B 25 -0.63 3.39 2.70
N ASP B 26 -0.60 4.59 3.26
CA ASP B 26 -0.41 5.82 2.52
C ASP B 26 0.50 6.76 3.28
N GLY B 27 1.32 7.52 2.55
CA GLY B 27 2.21 8.47 3.17
C GLY B 27 2.99 8.01 4.39
N TYR B 28 3.73 6.91 4.25
CA TYR B 28 4.53 6.38 5.35
C TYR B 28 3.62 6.15 6.53
N THR B 29 2.51 5.46 6.25
CA THR B 29 1.51 5.19 7.25
C THR B 29 0.80 3.89 6.97
N SER B 30 0.68 3.06 7.99
CA SER B 30 -0.02 1.81 7.82
C SER B 30 -1.16 1.73 8.82
N GLU B 31 -2.18 0.98 8.46
CA GLU B 31 -3.34 0.81 9.32
C GLU B 31 -3.76 -0.64 9.30
N TYR B 32 -3.95 -1.22 10.48
CA TYR B 32 -4.37 -2.59 10.60
C TYR B 32 -5.72 -2.59 11.27
N TYR B 33 -6.52 -3.61 11.03
CA TYR B 33 -7.86 -3.65 11.59
C TYR B 33 -8.38 -5.05 11.81
N LEU B 34 -9.25 -5.19 12.81
CA LEU B 34 -9.83 -6.47 13.13
C LEU B 34 -11.21 -6.28 13.74
N PRO B 35 -12.27 -6.43 12.95
CA PRO B 35 -13.66 -6.28 13.41
C PRO B 35 -13.96 -7.52 14.23
N GLU B 36 -14.71 -7.39 15.33
CA GLU B 36 -14.90 -8.57 16.14
C GLU B 36 -16.21 -9.11 16.59
N THR B 37 -17.21 -8.26 16.81
CA THR B 37 -18.51 -8.78 17.26
C THR B 37 -19.13 -7.76 18.17
N SER B 38 -18.44 -7.44 19.25
CA SER B 38 -18.93 -6.46 20.19
C SER B 38 -18.00 -5.26 20.23
N SER B 39 -16.87 -5.41 19.54
CA SER B 39 -15.87 -4.35 19.43
C SER B 39 -14.97 -4.67 18.25
N SER B 40 -14.11 -3.72 17.89
CA SER B 40 -13.17 -3.91 16.79
C SER B 40 -11.87 -3.28 17.21
N PHE B 41 -10.76 -3.77 16.66
CA PHE B 41 -9.45 -3.25 17.00
C PHE B 41 -8.78 -2.64 15.81
N ARG B 42 -8.03 -1.58 16.07
CA ARG B 42 -7.34 -0.89 15.00
C ARG B 42 -6.00 -0.37 15.47
N ALA B 43 -5.00 -0.48 14.60
CA ALA B 43 -3.66 -0.01 14.92
C ALA B 43 -3.16 0.87 13.79
N LYS B 44 -2.45 1.94 14.13
CA LYS B 44 -1.90 2.85 13.14
C LYS B 44 -0.45 3.14 13.44
N VAL B 45 0.37 3.15 12.40
CA VAL B 45 1.79 3.45 12.55
C VAL B 45 2.08 4.59 11.59
N ARG B 46 2.56 5.71 12.13
CA ARG B 46 2.85 6.86 11.28
C ARG B 46 4.21 7.45 11.53
N HIS B 47 4.78 7.99 10.46
CA HIS B 47 6.09 8.60 10.52
C HIS B 47 5.93 10.00 9.97
N THR B 48 6.62 10.94 10.59
CA THR B 48 6.52 12.33 10.18
C THR B 48 7.83 13.07 10.32
N LYS B 49 7.97 14.12 9.52
CA LYS B 49 9.13 14.97 9.59
C LYS B 49 8.59 16.33 9.96
N GLU B 50 8.86 16.75 11.18
CA GLU B 50 8.38 18.04 11.64
C GLU B 50 8.89 19.16 10.77
N SER B 51 8.02 20.16 10.59
CA SER B 51 8.29 21.34 9.76
C SER B 51 9.65 22.00 9.95
N VAL B 52 10.49 21.92 8.93
CA VAL B 52 11.82 22.53 8.97
C VAL B 52 11.67 24.04 9.16
N LYS B 53 12.53 24.61 9.97
CA LYS B 53 12.53 26.04 10.19
C LYS B 53 13.97 26.51 9.97
N PRO B 54 14.17 27.83 9.75
CA PRO B 54 15.48 28.42 9.50
C PRO B 54 16.67 28.01 10.40
N ASN B 55 16.78 28.67 11.55
CA ASN B 55 17.88 28.44 12.47
C ASN B 55 17.56 27.47 13.63
N GLN B 56 17.12 26.25 13.31
CA GLN B 56 16.82 25.28 14.37
C GLN B 56 16.89 23.85 13.89
N VAL B 57 16.98 22.95 14.87
CA VAL B 57 17.07 21.52 14.64
C VAL B 57 15.78 20.99 14.06
N GLN B 58 15.89 20.00 13.17
CA GLN B 58 14.70 19.41 12.60
C GLN B 58 14.44 18.04 13.21
N TYR B 59 13.19 17.81 13.61
CA TYR B 59 12.82 16.55 14.23
C TYR B 59 11.97 15.61 13.39
N GLU B 60 12.10 14.32 13.71
CA GLU B 60 11.29 13.29 13.07
C GLU B 60 10.39 12.83 14.20
N ARG B 61 9.24 12.31 13.84
CA ARG B 61 8.28 11.87 14.85
C ARG B 61 7.66 10.55 14.42
N HIS B 62 7.69 9.56 15.32
CA HIS B 62 7.12 8.25 15.02
C HIS B 62 5.99 7.97 15.98
N ASN B 63 4.90 7.43 15.47
CA ASN B 63 3.73 7.17 16.28
C ASN B 63 3.09 5.82 16.04
N VAL B 64 2.68 5.16 17.12
CA VAL B 64 2.00 3.88 17.06
C VAL B 64 0.77 4.03 17.94
N GLU B 65 -0.38 3.67 17.41
CA GLU B 65 -1.61 3.84 18.16
C GLU B 65 -2.59 2.67 18.08
N PHE B 66 -2.95 2.15 19.24
CA PHE B 66 -3.90 1.04 19.37
C PHE B 66 -5.25 1.62 19.76
N THR B 67 -6.32 1.13 19.16
CA THR B 67 -7.66 1.64 19.45
C THR B 67 -8.67 0.52 19.48
N GLU B 68 -9.48 0.46 20.53
CA GLU B 68 -10.52 -0.54 20.57
C GLU B 68 -11.83 0.18 20.57
N THR B 69 -12.69 -0.17 19.63
CA THR B 69 -13.99 0.47 19.54
C THR B 69 -15.05 -0.47 20.02
N VAL B 70 -15.71 -0.09 21.12
CA VAL B 70 -16.76 -0.92 21.68
C VAL B 70 -18.07 -0.41 21.13
N TYR B 71 -18.75 -1.25 20.35
CA TYR B 71 -20.00 -0.88 19.74
C TYR B 71 -21.04 -0.60 20.81
N ALA B 72 -22.04 0.20 20.46
CA ALA B 72 -23.10 0.55 21.40
C ALA B 72 -23.84 -0.70 21.85
N SER B 73 -24.24 -0.72 23.11
CA SER B 73 -24.96 -1.87 23.65
C SER B 73 -26.23 -1.42 24.34
N GLY B 74 -27.33 -1.49 23.60
CA GLY B 74 -28.60 -1.07 24.13
C GLY B 74 -28.60 0.43 24.34
N SER B 75 -28.79 0.81 25.59
CA SER B 75 -28.82 2.21 26.00
C SER B 75 -27.42 2.80 26.04
N THR B 76 -26.44 1.94 26.32
CA THR B 76 -25.04 2.34 26.40
C THR B 76 -24.49 2.67 25.02
N PRO B 77 -24.11 3.93 24.81
CA PRO B 77 -23.58 4.34 23.50
C PRO B 77 -22.23 3.71 23.21
N GLU B 78 -21.79 3.91 21.98
CA GLU B 78 -20.52 3.38 21.55
C GLU B 78 -19.41 4.24 22.08
N PHE B 79 -18.30 3.62 22.47
CA PHE B 79 -17.18 4.37 22.99
C PHE B 79 -15.88 3.72 22.59
N VAL B 80 -14.77 4.34 22.98
CA VAL B 80 -13.48 3.83 22.61
C VAL B 80 -12.46 3.71 23.76
N ARG B 81 -11.44 2.90 23.51
CA ARG B 81 -10.33 2.69 24.44
C ARG B 81 -9.14 2.88 23.54
N GLN B 82 -8.17 3.68 23.99
CA GLN B 82 -7.06 3.96 23.13
C GLN B 82 -5.74 4.26 23.82
N ALA B 83 -4.66 3.76 23.23
CA ALA B 83 -3.33 3.96 23.77
C ALA B 83 -2.36 4.18 22.64
N TYR B 84 -1.47 5.16 22.76
CA TYR B 84 -0.50 5.37 21.71
C TYR B 84 0.79 5.97 22.21
N VAL B 85 1.81 5.84 21.37
CA VAL B 85 3.14 6.31 21.71
C VAL B 85 3.69 7.20 20.63
N VAL B 86 4.56 8.12 21.05
CA VAL B 86 5.20 9.01 20.11
C VAL B 86 6.66 9.13 20.48
N ILE B 87 7.53 8.84 19.52
CA ILE B 87 8.97 8.95 19.70
C ILE B 87 9.36 10.11 18.82
N ARG B 88 10.18 11.00 19.37
CA ARG B 88 10.57 12.18 18.64
C ARG B 88 12.06 12.46 18.83
N HIS B 89 12.77 12.60 17.71
CA HIS B 89 14.22 12.86 17.80
C HIS B 89 14.69 13.74 16.66
N LYS B 90 15.87 14.34 16.81
CA LYS B 90 16.41 15.20 15.77
C LYS B 90 16.77 14.29 14.62
N VAL B 91 16.79 14.84 13.41
CA VAL B 91 17.16 14.04 12.25
C VAL B 91 18.66 13.82 12.33
N GLY B 92 19.09 12.56 12.24
CA GLY B 92 20.51 12.29 12.29
C GLY B 92 20.97 11.83 13.65
N ASP B 93 20.07 11.80 14.62
CA ASP B 93 20.42 11.35 15.97
C ASP B 93 20.85 9.87 15.88
N VAL B 94 21.51 9.38 16.93
CA VAL B 94 21.95 7.99 16.97
C VAL B 94 20.77 7.09 17.35
N SER B 95 20.20 6.44 16.36
CA SER B 95 19.05 5.56 16.58
C SER B 95 19.12 4.67 17.81
N ALA B 96 20.24 3.97 17.99
CA ALA B 96 20.38 3.07 19.15
C ALA B 96 20.07 3.79 20.45
N THR B 97 20.57 5.01 20.56
CA THR B 97 20.38 5.86 21.73
C THR B 97 18.92 6.22 21.88
N VAL B 98 18.34 6.67 20.78
CA VAL B 98 16.94 7.04 20.75
C VAL B 98 16.12 5.82 21.16
N SER B 99 16.40 4.68 20.54
CA SER B 99 15.71 3.44 20.85
C SER B 99 15.77 3.10 22.33
N ASP B 100 16.86 3.46 23.01
CA ASP B 100 17.00 3.14 24.43
C ASP B 100 16.00 3.86 25.30
N LEU B 101 15.67 5.08 24.92
CA LEU B 101 14.64 5.83 25.61
C LEU B 101 13.43 5.17 24.96
N GLY B 102 12.25 5.21 25.55
CA GLY B 102 11.16 4.55 24.86
C GLY B 102 11.26 3.06 25.14
N GLU B 103 12.46 2.53 24.99
CA GLU B 103 12.71 1.14 25.31
C GLU B 103 12.54 1.20 26.85
N ALA B 104 12.98 2.34 27.39
CA ALA B 104 12.93 2.62 28.82
C ALA B 104 11.52 2.95 29.26
N LEU B 105 10.76 3.55 28.34
CA LEU B 105 9.39 3.91 28.60
C LEU B 105 8.51 2.67 28.63
N SER B 106 8.66 1.81 27.63
CA SER B 106 7.88 0.58 27.57
C SER B 106 8.10 -0.17 28.86
N PHE B 107 9.35 -0.16 29.30
CA PHE B 107 9.73 -0.86 30.52
C PHE B 107 9.07 -0.27 31.75
N TYR B 108 9.00 1.04 31.78
CA TYR B 108 8.43 1.76 32.89
C TYR B 108 6.94 1.53 33.02
N LEU B 109 6.27 1.53 31.88
CA LEU B 109 4.83 1.36 31.79
C LEU B 109 4.37 -0.07 31.86
N ASN B 110 3.93 -0.48 33.03
CA ASN B 110 3.43 -1.83 33.20
C ASN B 110 2.06 -1.80 33.88
N GLU B 111 1.49 -2.98 34.02
CA GLU B 111 0.17 -3.10 34.62
C GLU B 111 -0.01 -2.27 35.88
N ALA B 112 0.95 -2.37 36.78
CA ALA B 112 0.87 -1.65 38.04
C ALA B 112 0.86 -0.14 37.84
N LEU B 113 1.66 0.30 36.89
CA LEU B 113 1.76 1.72 36.63
C LEU B 113 0.49 2.25 35.98
N TYR B 114 0.00 1.54 34.97
CA TYR B 114 -1.21 1.96 34.30
C TYR B 114 -2.31 2.05 35.34
N GLY B 115 -2.32 1.11 36.27
CA GLY B 115 -3.34 1.13 37.30
C GLY B 115 -3.33 2.48 37.99
N LYS B 116 -2.16 2.89 38.45
CA LYS B 116 -2.02 4.17 39.13
C LYS B 116 -2.41 5.35 38.27
N LEU B 117 -1.98 5.34 37.02
CA LEU B 117 -2.30 6.44 36.10
C LEU B 117 -3.78 6.65 35.97
N ILE B 118 -4.50 5.55 35.75
CA ILE B 118 -5.93 5.61 35.60
C ILE B 118 -6.54 6.17 36.88
N GLY B 119 -5.85 5.95 37.99
CA GLY B 119 -6.34 6.46 39.26
C GLY B 119 -5.94 7.92 39.44
N TRP B 120 -5.42 8.52 38.38
CA TRP B 120 -4.99 9.91 38.38
C TRP B 120 -3.80 10.22 39.28
N GLU B 121 -3.03 9.21 39.64
CA GLU B 121 -1.85 9.41 40.46
C GLU B 121 -0.72 10.02 39.64
N SER B 122 0.05 10.91 40.27
CA SER B 122 1.15 11.61 39.60
C SER B 122 2.51 11.35 40.27
N ALA C 1 2.54 -4.35 -6.28
CA ALA C 1 2.66 -5.81 -5.95
C ALA C 1 4.12 -6.24 -6.01
N LEU C 2 5.01 -5.42 -5.46
CA LEU C 2 6.42 -5.77 -5.53
C LEU C 2 7.04 -6.58 -4.41
N GLY C 3 6.76 -6.26 -3.17
CA GLY C 3 7.37 -7.06 -2.11
C GLY C 3 7.89 -6.20 -1.00
N ASP C 4 7.85 -6.74 0.21
CA ASP C 4 8.30 -6.01 1.38
C ASP C 4 9.73 -5.52 1.35
N THR C 5 10.54 -6.15 0.51
CA THR C 5 11.94 -5.74 0.40
C THR C 5 12.38 -5.71 -1.04
N LEU C 6 13.53 -5.07 -1.23
CA LEU C 6 14.13 -4.95 -2.54
C LEU C 6 15.63 -5.00 -2.26
N THR C 7 16.32 -5.96 -2.89
CA THR C 7 17.74 -6.08 -2.66
C THR C 7 18.62 -5.45 -3.72
N ILE C 8 19.53 -4.61 -3.27
CA ILE C 8 20.48 -3.97 -4.16
C ILE C 8 21.80 -4.69 -3.95
N THR C 9 22.21 -5.50 -4.93
CA THR C 9 23.47 -6.21 -4.79
C THR C 9 24.56 -5.42 -5.47
N LEU C 10 25.31 -4.68 -4.66
CA LEU C 10 26.40 -3.85 -5.17
C LEU C 10 27.46 -4.70 -5.85
N GLY C 11 27.91 -4.23 -7.01
CA GLY C 11 28.92 -4.97 -7.74
C GLY C 11 28.24 -6.07 -8.54
N GLY C 12 26.94 -5.94 -8.69
CA GLY C 12 26.17 -6.91 -9.44
C GLY C 12 26.13 -8.29 -8.80
N SER C 13 25.81 -9.29 -9.61
CA SER C 13 25.71 -10.66 -9.15
C SER C 13 26.88 -11.08 -8.26
N GLY C 14 26.55 -11.72 -7.14
CA GLY C 14 27.58 -12.16 -6.21
C GLY C 14 28.19 -11.03 -5.39
N GLY C 15 27.68 -9.81 -5.57
CA GLY C 15 28.20 -8.68 -4.82
C GLY C 15 27.67 -8.57 -3.41
N THR C 16 27.70 -7.34 -2.88
CA THR C 16 27.22 -7.07 -1.53
C THR C 16 25.73 -6.74 -1.51
N ALA C 17 24.93 -7.62 -0.93
CA ALA C 17 23.49 -7.40 -0.87
C ALA C 17 23.09 -6.37 0.17
N LYS C 18 22.23 -5.45 -0.25
CA LYS C 18 21.71 -4.40 0.61
C LYS C 18 20.22 -4.55 0.47
N VAL C 19 19.59 -5.25 1.42
CA VAL C 19 18.16 -5.45 1.34
C VAL C 19 17.40 -4.26 1.95
N LEU C 20 16.72 -3.51 1.09
CA LEU C 20 15.96 -2.35 1.56
C LEU C 20 14.54 -2.76 1.91
N ARG C 21 13.96 -1.99 2.82
CA ARG C 21 12.62 -2.21 3.31
C ARG C 21 11.61 -1.32 2.62
N LYS C 22 10.46 -1.85 2.26
CA LYS C 22 9.46 -1.02 1.60
C LYS C 22 8.99 0.00 2.63
N ILE C 23 9.06 1.27 2.27
CA ILE C 23 8.69 2.35 3.16
C ILE C 23 7.37 3.04 2.82
N ASN C 24 6.98 2.97 1.55
CA ASN C 24 5.74 3.59 1.11
C ASN C 24 5.38 3.18 -0.31
N GLN C 25 4.11 3.32 -0.67
CA GLN C 25 3.66 2.98 -2.02
C GLN C 25 2.40 3.80 -2.28
N ASP C 26 2.48 4.76 -3.19
CA ASP C 26 1.33 5.59 -3.44
C ASP C 26 0.83 5.88 -4.85
N GLY C 27 1.40 6.82 -5.59
CA GLY C 27 0.81 7.06 -6.90
C GLY C 27 1.33 6.09 -7.94
N TYR C 28 1.11 4.80 -7.74
CA TYR C 28 1.67 3.80 -8.66
C TYR C 28 3.17 4.07 -8.50
N THR C 29 3.57 4.18 -7.24
CA THR C 29 4.93 4.49 -6.88
C THR C 29 5.36 3.79 -5.60
N SER C 30 6.54 3.19 -5.62
CA SER C 30 7.06 2.52 -4.45
C SER C 30 8.30 3.21 -3.96
N GLU C 31 8.67 2.91 -2.72
CA GLU C 31 9.86 3.48 -2.14
C GLU C 31 10.40 2.53 -1.10
N TYR C 32 11.67 2.15 -1.24
CA TYR C 32 12.31 1.26 -0.30
C TYR C 32 13.42 2.05 0.33
N TYR C 33 13.80 1.66 1.54
CA TYR C 33 14.82 2.41 2.25
C TYR C 33 15.61 1.52 3.19
N LEU C 34 16.88 1.83 3.33
CA LEU C 34 17.77 1.08 4.21
C LEU C 34 18.84 2.03 4.71
N PRO C 35 18.64 2.57 5.92
CA PRO C 35 19.60 3.50 6.51
C PRO C 35 20.75 2.75 7.14
N GLU C 36 21.95 3.31 7.04
CA GLU C 36 23.12 2.69 7.62
C GLU C 36 23.94 3.76 8.30
N THR C 37 24.97 3.32 9.00
CA THR C 37 25.84 4.21 9.76
C THR C 37 26.41 5.39 8.97
N SER C 38 27.02 5.11 7.83
CA SER C 38 27.66 6.15 7.02
C SER C 38 26.94 6.61 5.75
N SER C 39 25.99 5.80 5.29
CA SER C 39 25.22 6.11 4.09
C SER C 39 23.88 5.40 4.21
N SER C 40 22.96 5.74 3.31
CA SER C 40 21.65 5.11 3.29
C SER C 40 21.30 4.81 1.85
N PHE C 41 20.54 3.75 1.64
CA PHE C 41 20.14 3.38 0.30
C PHE C 41 18.65 3.56 0.14
N ARG C 42 18.25 3.97 -1.04
CA ARG C 42 16.85 4.20 -1.30
C ARG C 42 16.53 3.89 -2.76
N ALA C 43 15.49 3.08 -2.97
CA ALA C 43 15.06 2.71 -4.31
C ALA C 43 13.63 3.19 -4.53
N LYS C 44 13.34 3.67 -5.73
CA LYS C 44 12.00 4.13 -6.05
C LYS C 44 11.55 3.57 -7.37
N VAL C 45 10.26 3.26 -7.45
CA VAL C 45 9.68 2.73 -8.68
C VAL C 45 8.51 3.63 -9.04
N ARG C 46 8.50 4.11 -10.27
CA ARG C 46 7.43 5.00 -10.73
C ARG C 46 6.88 4.59 -12.06
N HIS C 47 5.56 4.69 -12.18
CA HIS C 47 4.87 4.38 -13.42
C HIS C 47 4.09 5.59 -13.85
N THR C 48 4.22 5.93 -15.12
CA THR C 48 3.54 7.09 -15.67
C THR C 48 2.84 6.80 -16.97
N LYS C 49 1.87 7.63 -17.28
CA LYS C 49 1.14 7.51 -18.52
C LYS C 49 1.29 8.90 -19.11
N GLU C 50 2.13 9.01 -20.13
CA GLU C 50 2.38 10.30 -20.76
C GLU C 50 1.10 10.99 -21.26
N SER C 51 1.20 12.31 -21.44
CA SER C 51 0.07 13.13 -21.88
C SER C 51 -0.63 12.68 -23.18
N VAL C 52 -1.84 12.15 -23.02
CA VAL C 52 -2.64 11.67 -24.16
C VAL C 52 -2.89 12.81 -25.13
N LYS C 53 -2.36 12.70 -26.35
CA LYS C 53 -2.59 13.77 -27.31
C LYS C 53 -3.34 13.35 -28.58
N PRO C 54 -4.16 14.28 -29.13
CA PRO C 54 -5.02 14.17 -30.31
C PRO C 54 -4.74 13.04 -31.29
N ASN C 55 -3.90 13.36 -32.27
CA ASN C 55 -3.54 12.42 -33.32
C ASN C 55 -2.15 11.87 -33.00
N GLN C 56 -2.03 11.16 -31.88
CA GLN C 56 -0.73 10.63 -31.50
C GLN C 56 -0.84 9.38 -30.64
N VAL C 57 0.28 8.65 -30.59
CA VAL C 57 0.38 7.43 -29.83
C VAL C 57 0.50 7.75 -28.35
N GLN C 58 -0.14 6.94 -27.52
CA GLN C 58 -0.12 7.11 -26.07
C GLN C 58 0.97 6.26 -25.45
N TYR C 59 1.92 6.90 -24.76
CA TYR C 59 3.02 6.17 -24.13
C TYR C 59 2.94 6.01 -22.62
N GLU C 60 3.67 5.03 -22.11
CA GLU C 60 3.75 4.77 -20.68
C GLU C 60 5.22 4.75 -20.32
N ARG C 61 5.55 5.26 -19.14
CA ARG C 61 6.92 5.28 -18.66
C ARG C 61 7.03 4.41 -17.43
N HIS C 62 8.15 3.70 -17.32
CA HIS C 62 8.38 2.86 -16.15
C HIS C 62 9.77 3.21 -15.70
N ASN C 63 9.88 3.66 -14.46
CA ASN C 63 11.16 4.08 -13.94
C ASN C 63 11.56 3.38 -12.65
N VAL C 64 12.85 3.09 -12.54
CA VAL C 64 13.40 2.46 -11.34
C VAL C 64 14.66 3.22 -11.02
N GLU C 65 14.83 3.61 -9.76
CA GLU C 65 16.00 4.38 -9.41
C GLU C 65 16.65 4.06 -8.08
N PHE C 66 17.95 3.75 -8.12
CA PHE C 66 18.74 3.44 -6.94
C PHE C 66 19.51 4.68 -6.50
N THR C 67 19.55 4.93 -5.19
CA THR C 67 20.26 6.09 -4.70
C THR C 67 20.96 5.89 -3.38
N GLU C 68 22.28 5.88 -3.40
CA GLU C 68 23.01 5.78 -2.15
C GLU C 68 23.34 7.20 -1.75
N THR C 69 23.11 7.52 -0.47
CA THR C 69 23.39 8.85 0.02
C THR C 69 24.45 8.75 1.08
N VAL C 70 25.61 9.34 0.81
CA VAL C 70 26.70 9.34 1.76
C VAL C 70 26.62 10.61 2.59
N TYR C 71 26.43 10.43 3.90
CA TYR C 71 26.30 11.54 4.82
C TYR C 71 27.59 12.31 4.92
N ALA C 72 27.48 13.60 5.19
CA ALA C 72 28.63 14.48 5.33
C ALA C 72 29.63 13.91 6.35
N SER C 73 30.91 14.03 6.05
CA SER C 73 31.95 13.53 6.95
C SER C 73 33.08 14.53 7.11
N GLY C 74 32.95 15.37 8.14
CA GLY C 74 33.94 16.38 8.40
C GLY C 74 33.82 17.48 7.36
N SER C 75 34.93 17.73 6.67
CA SER C 75 34.97 18.74 5.62
C SER C 75 34.10 18.30 4.45
N THR C 76 34.18 17.01 4.14
CA THR C 76 33.44 16.40 3.04
C THR C 76 31.93 16.50 3.24
N PRO C 77 31.25 17.29 2.40
CA PRO C 77 29.80 17.41 2.55
C PRO C 77 29.10 16.13 2.08
N GLU C 78 27.77 16.15 2.19
CA GLU C 78 26.98 15.01 1.79
C GLU C 78 26.78 15.00 0.28
N PHE C 79 26.75 13.80 -0.28
CA PHE C 79 26.57 13.64 -1.72
C PHE C 79 25.91 12.30 -2.02
N VAL C 80 25.47 12.13 -3.26
CA VAL C 80 24.81 10.89 -3.65
C VAL C 80 25.44 10.17 -4.84
N ARG C 81 24.89 8.99 -5.08
CA ARG C 81 25.28 8.14 -6.19
C ARG C 81 23.97 7.58 -6.71
N GLN C 82 23.63 7.90 -7.94
CA GLN C 82 22.38 7.43 -8.52
C GLN C 82 22.53 6.65 -9.80
N ALA C 83 21.57 5.77 -10.01
CA ALA C 83 21.53 4.95 -11.20
C ALA C 83 20.06 4.68 -11.40
N TYR C 84 19.51 5.02 -12.57
CA TYR C 84 18.12 4.73 -12.78
C TYR C 84 17.84 4.40 -14.22
N VAL C 85 16.75 3.66 -14.42
CA VAL C 85 16.36 3.24 -15.74
C VAL C 85 14.96 3.69 -16.07
N VAL C 86 14.72 3.87 -17.36
CA VAL C 86 13.40 4.25 -17.81
C VAL C 86 13.05 3.40 -19.01
N ILE C 87 11.85 2.86 -18.99
CA ILE C 87 11.34 2.04 -20.08
C ILE C 87 10.13 2.79 -20.60
N ARG C 88 10.04 2.92 -21.91
CA ARG C 88 8.96 3.66 -22.49
C ARG C 88 8.41 2.89 -23.68
N HIS C 89 7.10 2.75 -23.75
CA HIS C 89 6.47 2.04 -24.85
C HIS C 89 5.05 2.54 -24.97
N LYS C 90 4.41 2.23 -26.09
CA LYS C 90 3.04 2.68 -26.30
C LYS C 90 2.07 1.73 -25.62
N VAL C 91 0.88 2.24 -25.32
CA VAL C 91 -0.14 1.43 -24.71
C VAL C 91 -0.56 0.35 -25.70
N GLY C 92 -0.62 -0.90 -25.27
CA GLY C 92 -1.01 -1.95 -26.18
C GLY C 92 0.14 -2.74 -26.76
N ASP C 93 1.34 -2.20 -26.65
CA ASP C 93 2.53 -2.86 -27.19
C ASP C 93 2.66 -4.28 -26.60
N VAL C 94 3.48 -5.13 -27.22
CA VAL C 94 3.68 -6.49 -26.71
C VAL C 94 4.75 -6.53 -25.64
N SER C 95 4.32 -6.78 -24.40
CA SER C 95 5.22 -6.85 -23.27
C SER C 95 6.51 -7.61 -23.54
N ALA C 96 6.37 -8.87 -23.96
CA ALA C 96 7.54 -9.70 -24.25
C ALA C 96 8.59 -8.95 -25.04
N THR C 97 8.14 -8.34 -26.13
CA THR C 97 8.98 -7.56 -27.03
C THR C 97 9.67 -6.40 -26.33
N VAL C 98 8.87 -5.56 -25.68
CA VAL C 98 9.40 -4.43 -24.95
C VAL C 98 10.44 -4.92 -23.95
N SER C 99 10.05 -5.91 -23.15
CA SER C 99 10.95 -6.48 -22.15
C SER C 99 12.29 -6.87 -22.75
N ASP C 100 12.27 -7.43 -23.96
CA ASP C 100 13.49 -7.84 -24.63
C ASP C 100 14.48 -6.71 -24.81
N LEU C 101 13.96 -5.51 -25.02
CA LEU C 101 14.80 -4.34 -25.20
C LEU C 101 15.46 -3.96 -23.87
N GLY C 102 14.69 -4.04 -22.79
CA GLY C 102 15.23 -3.71 -21.49
C GLY C 102 16.31 -4.71 -21.14
N GLU C 103 16.04 -5.97 -21.43
CA GLU C 103 17.01 -7.04 -21.16
C GLU C 103 18.27 -6.77 -21.95
N ALA C 104 18.11 -6.25 -23.16
CA ALA C 104 19.23 -5.94 -24.02
C ALA C 104 20.10 -4.87 -23.37
N LEU C 105 19.46 -3.89 -22.75
CA LEU C 105 20.18 -2.82 -22.09
C LEU C 105 20.92 -3.34 -20.88
N SER C 106 20.20 -4.04 -20.00
CA SER C 106 20.82 -4.59 -18.80
C SER C 106 22.03 -5.41 -19.16
N PHE C 107 21.86 -6.23 -20.19
CA PHE C 107 22.93 -7.09 -20.66
C PHE C 107 24.12 -6.31 -21.15
N TYR C 108 23.81 -5.24 -21.88
CA TYR C 108 24.82 -4.38 -22.43
C TYR C 108 25.64 -3.68 -21.36
N LEU C 109 24.92 -3.12 -20.38
CA LEU C 109 25.51 -2.40 -19.27
C LEU C 109 26.12 -3.28 -18.21
N ASN C 110 27.41 -3.54 -18.33
CA ASN C 110 28.13 -4.34 -17.35
C ASN C 110 29.23 -3.49 -16.75
N GLU C 111 30.02 -4.10 -15.88
CA GLU C 111 31.09 -3.36 -15.22
C GLU C 111 32.04 -2.65 -16.15
N ALA C 112 32.52 -3.37 -17.16
CA ALA C 112 33.46 -2.80 -18.12
C ALA C 112 32.89 -1.56 -18.74
N LEU C 113 31.64 -1.67 -19.15
CA LEU C 113 30.96 -0.58 -19.80
C LEU C 113 30.73 0.62 -18.89
N TYR C 114 30.36 0.35 -17.65
CA TYR C 114 30.15 1.44 -16.71
C TYR C 114 31.47 2.15 -16.51
N GLY C 115 32.55 1.38 -16.44
CA GLY C 115 33.85 1.97 -16.28
C GLY C 115 34.06 3.03 -17.35
N LYS C 116 33.85 2.63 -18.60
CA LYS C 116 34.01 3.52 -19.73
C LYS C 116 33.15 4.75 -19.65
N LEU C 117 31.88 4.57 -19.30
CA LEU C 117 30.96 5.70 -19.19
C LEU C 117 31.43 6.73 -18.20
N ILE C 118 31.79 6.26 -17.01
CA ILE C 118 32.26 7.13 -15.96
C ILE C 118 33.51 7.85 -16.47
N GLY C 119 34.23 7.17 -17.36
CA GLY C 119 35.43 7.74 -17.94
C GLY C 119 35.14 8.71 -19.07
N TRP C 120 33.86 8.97 -19.30
CA TRP C 120 33.42 9.88 -20.36
C TRP C 120 33.69 9.37 -21.77
N GLU C 121 33.93 8.07 -21.89
CA GLU C 121 34.16 7.50 -23.22
C GLU C 121 32.85 7.51 -23.96
N SER C 122 32.79 8.34 -24.97
CA SER C 122 31.61 8.47 -25.82
C SER C 122 31.96 7.78 -27.15
CA CA D . -23.38 -17.80 4.55
P AMP E . -13.54 6.39 3.87
O1P AMP E . -12.73 7.41 3.18
O2P AMP E . -13.38 4.96 3.51
O5' AMP E . -13.29 6.55 5.44
C5' AMP E . -12.00 6.28 6.01
C4' AMP E . -12.00 6.40 7.52
O4' AMP E . -12.63 5.23 8.09
C3' AMP E . -10.62 6.38 8.16
O3' AMP E . -9.87 7.60 7.97
C2' AMP E . -10.94 5.98 9.60
O2' AMP E . -11.34 7.04 10.45
C1' AMP E . -12.13 5.03 9.40
N9 AMP E . -11.71 3.64 9.51
C8 AMP E . -10.46 3.13 9.30
N7 AMP E . -10.38 1.84 9.49
C5 AMP E . -11.67 1.48 9.84
C6 AMP E . -12.24 0.27 10.13
N6 AMP E . -11.54 -0.85 10.11
N1 AMP E . -13.55 0.23 10.44
C2 AMP E . -14.23 1.37 10.44
N3 AMP E . -13.80 2.59 10.17
C4 AMP E . -12.50 2.58 9.87
CA CA F . 18.90 -0.92 23.58
P AMP G . 5.76 13.06 5.26
O1P AMP G . 5.14 11.94 4.52
O2P AMP G . 5.55 13.17 6.73
O5' AMP G . 7.34 13.02 4.99
C5' AMP G . 7.86 12.64 3.71
C4' AMP G . 9.33 12.99 3.58
O4' AMP G . 10.07 12.24 4.57
C3' AMP G . 10.02 12.61 2.29
O3' AMP G . 9.68 13.46 1.17
C2' AMP G . 11.49 12.65 2.69
O2' AMP G . 12.06 13.95 2.75
C1' AMP G . 11.41 12.10 4.12
N9 AMP G . 11.78 10.69 4.23
C8 AMP G . 11.24 9.61 3.59
N7 AMP G . 11.81 8.48 3.92
C5 AMP G . 12.79 8.85 4.82
C6 AMP G . 13.73 8.11 5.54
N6 AMP G . 13.81 6.80 5.46
N1 AMP G . 14.58 8.79 6.34
C2 AMP G . 14.46 10.11 6.42
N3 AMP G . 13.61 10.91 5.81
C4 AMP G . 12.79 10.20 5.01
CA CA H . -0.68 3.71 -0.66
CA CA I . 12.78 -11.86 -23.31
P AMP J . 0.51 8.06 -13.30
O1P AMP J . 0.89 6.73 -12.73
O2P AMP J . 1.48 8.78 -14.16
O5' AMP J . -0.84 7.87 -14.12
C5' AMP J . -2.07 7.52 -13.45
C4' AMP J . -3.20 7.34 -14.44
O4' AMP J . -2.80 6.34 -15.42
C3' AMP J . -4.50 6.78 -13.88
O3' AMP J . -5.31 7.70 -13.13
C2' AMP J . -5.15 6.21 -15.14
O2' AMP J . -5.72 7.19 -15.99
C1' AMP J . -3.94 5.59 -15.83
N9 AMP J . -3.74 4.21 -15.43
C8 AMP J . -3.93 3.66 -14.18
N7 AMP J . -3.66 2.40 -14.13
C5 AMP J . -3.26 2.08 -15.41
C6 AMP J . -2.84 0.91 -15.97
N6 AMP J . -2.74 -0.22 -15.28
N1 AMP J . -2.51 0.90 -17.29
C2 AMP J . -2.61 2.05 -17.96
N3 AMP J . -2.99 3.24 -17.53
C4 AMP J . -3.31 3.19 -16.22
#